data_4NEL
#
_entry.id   4NEL
#
_cell.length_a   41.864
_cell.length_b   109.240
_cell.length_c   73.878
_cell.angle_alpha   90.00
_cell.angle_beta   90.00
_cell.angle_gamma   90.00
#
_symmetry.space_group_name_H-M   'C 2 2 21'
#
loop_
_entity.id
_entity.type
_entity.pdbx_description
1 polymer 'Transcriptional regulator'
2 non-polymer N,N-dimethylmethanamine
3 water water
#
_entity_poly.entity_id   1
_entity_poly.type   'polypeptide(L)'
_entity_poly.pdbx_seq_one_letter_code
;SEARRRILETAWRLIARRGYHNVRIHDIASELGTSNATIHYHFPSKKDILLEALRRNVKLAFDRQVAELHTIADARERLV
RLVELQLPTPGLLRDEWSVWLQVWTESTLNPKIRDLYNDAYDRWYQTIA(MSE)TIRTGQKQGVFRDQDADELATRLSAL
IDGLGIQVLTGKRG(CME)SVDH(MSE)RQHLNDFIEHNIVE
;
_entity_poly.pdbx_strand_id   A
#
# COMPACT_ATOMS: atom_id res chain seq x y z
N SER A 1 -22.95 0.42 -11.17
CA SER A 1 -21.72 0.24 -10.32
C SER A 1 -20.96 -1.02 -10.67
N GLU A 2 -21.66 -2.02 -11.19
CA GLU A 2 -21.08 -3.29 -11.64
C GLU A 2 -19.96 -3.03 -12.65
N ALA A 3 -20.29 -2.28 -13.70
CA ALA A 3 -19.34 -1.98 -14.74
C ALA A 3 -18.22 -1.06 -14.23
N ARG A 4 -18.56 -0.08 -13.41
CA ARG A 4 -17.56 0.86 -12.91
C ARG A 4 -16.49 0.17 -12.08
N ARG A 5 -16.97 -0.76 -11.26
CA ARG A 5 -16.12 -1.54 -10.38
C ARG A 5 -15.13 -2.39 -11.23
N ARG A 6 -15.66 -3.03 -12.27
CA ARG A 6 -14.80 -3.85 -13.16
C ARG A 6 -13.76 -3.03 -13.90
N ILE A 7 -14.16 -1.87 -14.38
CA ILE A 7 -13.25 -0.97 -15.09
C ILE A 7 -12.15 -0.54 -14.14
N LEU A 8 -12.53 -0.16 -12.94
CA LEU A 8 -11.53 0.22 -11.94
C LEU A 8 -10.53 -0.84 -11.56
N GLU A 9 -11.01 -2.05 -11.39
CA GLU A 9 -10.22 -3.17 -10.97
C GLU A 9 -9.26 -3.55 -12.08
N THR A 10 -9.78 -3.51 -13.28
CA THR A 10 -8.98 -3.81 -14.45
C THR A 10 -7.91 -2.76 -14.63
N ALA A 11 -8.27 -1.48 -14.62
CA ALA A 11 -7.27 -0.42 -14.79
C ALA A 11 -6.14 -0.46 -13.73
N TRP A 12 -6.54 -0.77 -12.48
CA TRP A 12 -5.63 -0.87 -11.35
C TRP A 12 -4.64 -1.95 -11.61
N ARG A 13 -5.14 -3.08 -12.11
N ARG A 13 -5.12 -3.09 -12.10
CA ARG A 13 -4.29 -4.21 -12.42
CA ARG A 13 -4.22 -4.20 -12.39
C ARG A 13 -3.32 -3.87 -13.53
C ARG A 13 -3.29 -3.86 -13.53
N LEU A 14 -3.80 -3.23 -14.59
CA LEU A 14 -2.95 -2.85 -15.73
C LEU A 14 -1.89 -1.87 -15.32
N ILE A 15 -2.28 -0.91 -14.47
CA ILE A 15 -1.35 0.05 -13.94
C ILE A 15 -0.24 -0.65 -13.18
N ALA A 16 -0.65 -1.53 -12.31
CA ALA A 16 0.25 -2.29 -11.48
C ALA A 16 1.24 -3.12 -12.29
N ARG A 17 0.75 -3.73 -13.36
CA ARG A 17 1.60 -4.66 -14.13
C ARG A 17 2.37 -4.01 -15.26
N ARG A 18 1.77 -3.02 -15.92
CA ARG A 18 2.42 -2.39 -17.09
C ARG A 18 2.93 -1.03 -16.82
N GLY A 19 2.31 -0.33 -15.88
CA GLY A 19 2.71 1.00 -15.54
C GLY A 19 1.72 1.96 -16.13
N TYR A 20 1.32 2.90 -15.29
CA TYR A 20 0.33 3.91 -15.61
C TYR A 20 0.53 4.53 -16.95
N HIS A 21 1.73 5.03 -17.18
CA HIS A 21 2.03 5.70 -18.43
C HIS A 21 2.04 4.81 -19.66
N ASN A 22 2.20 3.52 -19.48
CA ASN A 22 2.21 2.59 -20.61
C ASN A 22 0.82 2.04 -20.87
N VAL A 23 -0.11 2.32 -19.99
CA VAL A 23 -1.45 1.85 -20.15
C VAL A 23 -2.27 2.86 -20.94
N ARG A 24 -2.86 2.43 -22.06
CA ARG A 24 -3.76 3.30 -22.80
C ARG A 24 -5.21 3.01 -22.43
N ILE A 25 -6.09 3.98 -22.65
CA ILE A 25 -7.53 3.76 -22.47
C ILE A 25 -7.91 2.56 -23.32
N HIS A 26 -7.37 2.51 -24.52
CA HIS A 26 -7.64 1.37 -25.40
C HIS A 26 -7.29 0.01 -24.80
N ASP A 27 -6.20 -0.05 -24.02
CA ASP A 27 -5.76 -1.27 -23.37
C ASP A 27 -6.77 -1.66 -22.34
N ILE A 28 -7.28 -0.69 -21.60
CA ILE A 28 -8.35 -0.99 -20.64
C ILE A 28 -9.60 -1.51 -21.36
N ALA A 29 -10.00 -0.80 -22.41
CA ALA A 29 -11.17 -1.15 -23.19
C ALA A 29 -11.04 -2.56 -23.76
N SER A 30 -9.88 -2.85 -24.36
CA SER A 30 -9.56 -4.17 -24.95
C SER A 30 -9.66 -5.32 -23.96
N GLU A 31 -9.12 -5.05 -22.76
CA GLU A 31 -9.08 -6.02 -21.68
C GLU A 31 -10.51 -6.44 -21.30
N LEU A 32 -11.45 -5.49 -21.33
CA LEU A 32 -12.82 -5.78 -20.94
C LEU A 32 -13.73 -6.00 -22.10
N GLY A 33 -13.19 -5.95 -23.32
CA GLY A 33 -13.99 -6.08 -24.53
C GLY A 33 -14.98 -4.93 -24.73
N THR A 34 -14.66 -3.74 -24.24
CA THR A 34 -15.59 -2.59 -24.36
C THR A 34 -15.00 -1.50 -25.27
N SER A 35 -15.69 -0.36 -25.42
CA SER A 35 -15.19 0.73 -26.23
C SER A 35 -14.40 1.71 -25.36
N ASN A 36 -13.57 2.53 -25.99
CA ASN A 36 -12.89 3.59 -25.26
C ASN A 36 -13.89 4.57 -24.68
N ALA A 37 -14.96 4.80 -25.42
CA ALA A 37 -15.99 5.77 -25.00
C ALA A 37 -16.56 5.41 -23.65
N THR A 38 -16.78 4.11 -23.47
CA THR A 38 -17.31 3.61 -22.23
C THR A 38 -16.36 3.77 -21.06
N ILE A 39 -15.07 3.57 -21.29
CA ILE A 39 -14.11 3.78 -20.22
C ILE A 39 -14.18 5.26 -19.80
N HIS A 40 -14.22 6.19 -20.76
CA HIS A 40 -14.35 7.65 -20.46
C HIS A 40 -15.62 8.08 -19.74
N TYR A 41 -16.74 7.46 -20.08
CA TYR A 41 -18.04 7.62 -19.41
C TYR A 41 -17.89 7.51 -17.87
N HIS A 42 -17.04 6.59 -17.45
N HIS A 42 -17.03 6.59 -17.43
CA HIS A 42 -16.78 6.37 -16.02
CA HIS A 42 -16.79 6.42 -15.99
C HIS A 42 -15.58 7.15 -15.51
C HIS A 42 -15.57 7.18 -15.50
N PHE A 43 -14.55 7.32 -16.35
CA PHE A 43 -13.32 8.05 -15.98
C PHE A 43 -12.95 9.07 -17.05
N PRO A 44 -13.44 10.33 -16.90
CA PRO A 44 -13.28 11.34 -17.96
C PRO A 44 -11.83 11.69 -18.36
N SER A 45 -10.88 11.50 -17.46
CA SER A 45 -9.47 11.70 -17.81
C SER A 45 -8.66 10.55 -17.27
N LYS A 46 -7.53 10.29 -17.92
CA LYS A 46 -6.65 9.20 -17.54
C LYS A 46 -6.16 9.42 -16.11
N LYS A 47 -5.94 10.68 -15.77
CA LYS A 47 -5.57 11.06 -14.42
C LYS A 47 -6.63 10.57 -13.39
N ASP A 48 -7.90 10.60 -13.77
CA ASP A 48 -8.95 10.10 -12.87
C ASP A 48 -8.77 8.61 -12.61
N ILE A 49 -8.21 7.91 -13.55
CA ILE A 49 -7.95 6.51 -13.36
C ILE A 49 -6.82 6.36 -12.33
N LEU A 50 -5.73 7.12 -12.45
CA LEU A 50 -4.65 6.95 -11.48
C LEU A 50 -5.12 7.30 -10.08
N LEU A 51 -5.96 8.34 -10.00
CA LEU A 51 -6.55 8.75 -8.73
C LEU A 51 -7.38 7.66 -8.10
N GLU A 52 -8.27 7.08 -8.87
CA GLU A 52 -9.06 5.97 -8.36
C GLU A 52 -8.20 4.73 -8.08
N ALA A 53 -7.09 4.53 -8.82
CA ALA A 53 -6.15 3.43 -8.53
C ALA A 53 -5.57 3.60 -7.12
N LEU A 54 -5.17 4.82 -6.78
CA LEU A 54 -4.70 5.15 -5.42
C LEU A 54 -5.80 4.94 -4.39
N ARG A 55 -7.00 5.41 -4.70
CA ARG A 55 -8.12 5.23 -3.81
C ARG A 55 -8.36 3.75 -3.53
N ARG A 56 -8.27 2.95 -4.57
CA ARG A 56 -8.40 1.52 -4.33
C ARG A 56 -7.32 0.98 -3.38
N ASN A 57 -6.08 1.40 -3.63
CA ASN A 57 -4.95 1.00 -2.78
C ASN A 57 -5.21 1.30 -1.31
N VAL A 58 -5.74 2.49 -1.06
CA VAL A 58 -6.11 2.93 0.28
C VAL A 58 -7.15 1.99 0.82
N LYS A 59 -8.20 1.76 0.04
CA LYS A 59 -9.27 0.85 0.46
C LYS A 59 -8.78 -0.57 0.75
N LEU A 60 -7.91 -1.10 -0.11
CA LEU A 60 -7.42 -2.45 0.09
C LEU A 60 -6.70 -2.62 1.43
N ALA A 61 -5.78 -1.71 1.69
CA ALA A 61 -4.96 -1.81 2.88
C ALA A 61 -5.77 -1.60 4.17
N PHE A 62 -6.75 -0.71 4.14
CA PHE A 62 -7.49 -0.45 5.36
C PHE A 62 -8.47 -1.60 5.64
N ASP A 63 -9.17 -2.09 4.62
CA ASP A 63 -10.07 -3.22 4.81
C ASP A 63 -9.31 -4.42 5.39
N ARG A 64 -8.13 -4.69 4.83
CA ARG A 64 -7.29 -5.79 5.26
C ARG A 64 -6.87 -5.66 6.71
N GLN A 65 -6.52 -4.44 7.07
CA GLN A 65 -6.00 -4.10 8.39
C GLN A 65 -7.09 -4.21 9.43
N VAL A 66 -8.25 -3.68 9.11
CA VAL A 66 -9.38 -3.78 10.00
C VAL A 66 -9.64 -5.26 10.31
N ALA A 67 -9.89 -6.02 9.26
CA ALA A 67 -10.23 -7.43 9.37
C ALA A 67 -9.21 -8.28 10.14
N GLU A 68 -7.91 -8.04 9.93
CA GLU A 68 -6.92 -8.86 10.62
C GLU A 68 -6.40 -8.38 11.95
N LEU A 69 -6.42 -7.08 12.23
CA LEU A 69 -5.85 -6.58 13.50
C LEU A 69 -6.74 -6.32 14.71
N HIS A 70 -8.00 -5.93 14.52
CA HIS A 70 -8.81 -5.52 15.67
C HIS A 70 -8.88 -6.61 16.74
N THR A 71 -8.91 -7.85 16.29
CA THR A 71 -8.99 -9.01 17.19
C THR A 71 -7.71 -9.39 17.94
N ILE A 72 -6.53 -8.93 17.50
CA ILE A 72 -5.30 -9.32 18.17
C ILE A 72 -5.19 -8.55 19.46
N ALA A 73 -5.22 -9.26 20.58
CA ALA A 73 -5.15 -8.65 21.90
C ALA A 73 -3.72 -8.17 22.21
N ASP A 74 -2.76 -9.05 21.92
CA ASP A 74 -1.34 -8.82 22.16
C ASP A 74 -0.72 -7.84 21.11
N ALA A 75 -0.15 -6.73 21.60
CA ALA A 75 0.42 -5.67 20.75
C ALA A 75 1.60 -6.10 19.91
N ARG A 76 2.44 -6.97 20.47
CA ARG A 76 3.59 -7.52 19.74
C ARG A 76 3.07 -8.35 18.58
N GLU A 77 2.17 -9.29 18.87
CA GLU A 77 1.56 -10.12 17.84
C GLU A 77 0.86 -9.24 16.79
N ARG A 78 0.22 -8.18 17.26
CA ARG A 78 -0.48 -7.25 16.38
C ARG A 78 0.49 -6.51 15.46
N LEU A 79 1.56 -6.00 16.02
CA LEU A 79 2.56 -5.28 15.21
C LEU A 79 3.23 -6.18 14.13
N VAL A 80 3.56 -7.39 14.52
CA VAL A 80 4.16 -8.36 13.58
C VAL A 80 3.24 -8.68 12.42
N ARG A 81 1.95 -8.88 12.75
CA ARG A 81 0.95 -9.12 11.73
C ARG A 81 0.76 -7.86 10.84
N LEU A 82 0.77 -6.69 11.42
CA LEU A 82 0.65 -5.46 10.63
C LEU A 82 1.73 -5.41 9.54
N VAL A 83 2.95 -5.72 9.96
CA VAL A 83 4.04 -5.79 9.05
C VAL A 83 3.79 -6.90 8.03
N GLU A 84 3.37 -8.09 8.46
CA GLU A 84 3.22 -9.15 7.49
C GLU A 84 2.27 -8.72 6.39
N LEU A 85 1.21 -8.03 6.78
CA LEU A 85 0.23 -7.58 5.79
C LEU A 85 0.82 -6.60 4.78
N GLN A 86 1.91 -5.93 5.10
CA GLN A 86 2.52 -5.04 4.13
C GLN A 86 3.62 -5.65 3.27
N LEU A 87 3.94 -6.92 3.46
CA LEU A 87 4.98 -7.52 2.62
C LEU A 87 4.50 -7.63 1.17
N PRO A 88 5.40 -7.36 0.20
CA PRO A 88 5.03 -7.43 -1.19
C PRO A 88 5.01 -8.88 -1.72
N THR A 89 4.16 -9.72 -1.12
CA THR A 89 4.02 -11.09 -1.55
C THR A 89 3.46 -11.13 -2.96
N PRO A 90 3.76 -12.21 -3.72
CA PRO A 90 3.26 -12.37 -5.06
C PRO A 90 1.75 -12.21 -5.11
N GLY A 91 1.26 -11.57 -6.17
CA GLY A 91 -0.18 -11.36 -6.36
C GLY A 91 -0.57 -9.94 -5.98
N LEU A 92 -1.67 -9.83 -5.28
CA LEU A 92 -2.22 -8.55 -4.90
C LEU A 92 -1.28 -7.58 -4.23
N LEU A 93 -0.56 -8.03 -3.22
CA LEU A 93 0.30 -7.15 -2.45
C LEU A 93 1.45 -6.60 -3.26
N ARG A 94 2.05 -7.42 -4.11
N ARG A 94 2.02 -7.43 -4.11
CA ARG A 94 3.07 -6.94 -5.03
CA ARG A 94 3.08 -7.00 -5.03
C ARG A 94 2.45 -5.89 -5.96
C ARG A 94 2.48 -5.93 -5.99
N ASP A 95 1.24 -6.19 -6.44
CA ASP A 95 0.52 -5.23 -7.27
C ASP A 95 0.27 -3.90 -6.53
N GLU A 96 -0.14 -3.96 -5.27
CA GLU A 96 -0.35 -2.75 -4.50
C GLU A 96 0.94 -1.94 -4.40
N TRP A 97 2.06 -2.63 -4.16
CA TRP A 97 3.36 -1.94 -4.08
C TRP A 97 3.76 -1.26 -5.38
N SER A 98 3.54 -1.92 -6.52
CA SER A 98 3.79 -1.30 -7.82
C SER A 98 3.00 -0.01 -7.98
N VAL A 99 1.73 -0.01 -7.53
CA VAL A 99 0.92 1.18 -7.60
C VAL A 99 1.46 2.27 -6.64
N TRP A 100 1.90 1.88 -5.43
CA TRP A 100 2.44 2.87 -4.49
C TRP A 100 3.72 3.51 -5.04
N LEU A 101 4.59 2.69 -5.64
CA LEU A 101 5.79 3.19 -6.26
C LEU A 101 5.49 4.26 -7.27
N GLN A 102 4.50 4.01 -8.11
CA GLN A 102 4.09 4.92 -9.16
C GLN A 102 3.46 6.23 -8.60
N VAL A 103 2.73 6.07 -7.52
CA VAL A 103 2.15 7.18 -6.78
C VAL A 103 3.27 8.04 -6.20
N TRP A 104 4.31 7.41 -5.66
CA TRP A 104 5.39 8.24 -5.08
C TRP A 104 5.98 9.16 -6.15
N THR A 105 6.19 8.62 -7.35
CA THR A 105 6.73 9.39 -8.44
C THR A 105 5.79 10.48 -8.91
N GLU A 106 4.53 10.10 -9.10
CA GLU A 106 3.55 11.09 -9.52
C GLU A 106 3.33 12.20 -8.50
N SER A 107 3.45 11.86 -7.21
CA SER A 107 3.29 12.79 -6.13
C SER A 107 4.34 13.86 -6.17
N THR A 108 5.55 13.55 -6.66
CA THR A 108 6.58 14.61 -6.74
C THR A 108 6.24 15.63 -7.85
N LEU A 109 5.09 15.46 -8.51
CA LEU A 109 4.66 16.29 -9.63
C LEU A 109 3.24 16.84 -9.43
N ASN A 110 2.30 15.94 -9.16
CA ASN A 110 0.88 16.29 -9.05
C ASN A 110 0.36 16.55 -7.62
N PRO A 111 -0.10 17.80 -7.33
CA PRO A 111 -0.64 18.11 -6.00
C PRO A 111 -1.76 17.20 -5.49
N LYS A 112 -2.77 16.86 -6.33
CA LYS A 112 -3.89 16.00 -5.86
C LYS A 112 -3.45 14.61 -5.48
N ILE A 113 -2.56 14.02 -6.28
CA ILE A 113 -2.04 12.70 -5.97
C ILE A 113 -1.30 12.81 -4.63
N ARG A 114 -0.51 13.87 -4.51
CA ARG A 114 0.32 14.14 -3.34
C ARG A 114 -0.54 14.24 -2.08
N ASP A 115 -1.55 15.09 -2.12
CA ASP A 115 -2.50 15.27 -0.97
C ASP A 115 -3.10 13.95 -0.54
N LEU A 116 -3.58 13.20 -1.53
CA LEU A 116 -4.20 11.93 -1.27
C LEU A 116 -3.16 10.93 -0.74
N TYR A 117 -1.96 10.85 -1.38
CA TYR A 117 -0.94 9.94 -0.86
C TYR A 117 -0.67 10.32 0.59
N ASN A 118 -0.61 11.62 0.88
CA ASN A 118 -0.33 12.07 2.26
C ASN A 118 -1.44 11.73 3.26
N ASP A 119 -2.69 11.77 2.81
CA ASP A 119 -3.82 11.32 3.63
C ASP A 119 -3.63 9.84 4.05
N ALA A 120 -3.52 8.94 3.07
CA ALA A 120 -3.30 7.50 3.31
C ALA A 120 -2.08 7.20 4.20
N TYR A 121 -0.94 7.78 3.82
CA TYR A 121 0.27 7.59 4.57
C TYR A 121 0.07 7.94 6.04
N ASP A 122 -0.54 9.09 6.32
CA ASP A 122 -0.80 9.44 7.72
C ASP A 122 -1.69 8.41 8.41
N ARG A 123 -2.69 7.90 7.70
CA ARG A 123 -3.60 6.85 8.22
C ARG A 123 -2.76 5.56 8.52
N TRP A 124 -1.84 5.26 7.62
CA TRP A 124 -0.93 4.08 7.75
C TRP A 124 0.02 4.28 8.94
N TYR A 125 0.64 5.45 8.96
CA TYR A 125 1.49 5.89 10.03
C TYR A 125 0.83 5.88 11.41
N GLN A 126 -0.44 6.34 11.50
CA GLN A 126 -1.13 6.35 12.80
C GLN A 126 -1.46 4.96 13.29
N THR A 127 -1.79 4.06 12.39
CA THR A 127 -2.03 2.71 12.83
C THR A 127 -0.76 2.13 13.47
N ILE A 128 0.40 2.42 12.89
CA ILE A 128 1.64 1.89 13.45
C ILE A 128 1.90 2.51 14.78
N ALA A 129 1.84 3.84 14.83
CA ALA A 129 2.01 4.58 16.09
C ALA A 129 1.06 4.08 17.20
N THR A 131 -0.44 1.22 17.55
CA THR A 131 -0.07 -0.10 17.95
C THR A 131 1.15 0.03 18.85
N ILE A 132 2.08 0.89 18.51
CA ILE A 132 3.24 1.01 19.36
C ILE A 132 2.80 1.56 20.71
N ARG A 133 1.92 2.53 20.72
CA ARG A 133 1.42 3.07 22.01
C ARG A 133 0.69 2.05 22.83
N THR A 134 -0.11 1.22 22.16
CA THR A 134 -0.86 0.15 22.83
C THR A 134 0.14 -0.82 23.50
N GLY A 135 1.24 -1.18 22.83
CA GLY A 135 2.21 -2.08 23.43
C GLY A 135 2.99 -1.48 24.61
N GLN A 136 3.19 -0.18 24.56
CA GLN A 136 3.93 0.52 25.60
C GLN A 136 3.03 0.54 26.85
N LYS A 137 1.73 0.78 26.65
CA LYS A 137 0.76 0.83 27.75
C LYS A 137 0.72 -0.56 28.33
N GLN A 138 0.69 -1.55 27.46
CA GLN A 138 0.66 -2.93 27.90
C GLN A 138 1.99 -3.34 28.56
N GLY A 139 2.99 -2.47 28.50
CA GLY A 139 4.30 -2.74 29.11
C GLY A 139 5.20 -3.66 28.32
N VAL A 140 4.78 -4.10 27.13
CA VAL A 140 5.57 -5.02 26.31
C VAL A 140 6.51 -4.34 25.31
N PHE A 141 6.33 -3.04 25.07
CA PHE A 141 7.22 -2.28 24.24
C PHE A 141 7.99 -1.27 25.12
N ARG A 142 9.16 -0.87 24.66
CA ARG A 142 10.02 0.12 25.32
C ARG A 142 9.42 1.52 25.22
N ASP A 143 9.74 2.41 26.16
CA ASP A 143 9.14 3.75 26.14
C ASP A 143 9.97 4.77 25.38
N GLN A 144 9.97 4.63 24.07
CA GLN A 144 10.65 5.61 23.25
C GLN A 144 9.54 6.35 22.53
N ASP A 145 9.88 7.45 21.87
CA ASP A 145 8.89 8.21 21.17
C ASP A 145 8.25 7.31 20.09
N ALA A 146 6.94 7.17 20.18
CA ALA A 146 6.18 6.33 19.25
C ALA A 146 6.15 6.88 17.85
N ASP A 147 6.14 8.18 17.69
CA ASP A 147 6.13 8.81 16.36
C ASP A 147 7.49 8.64 15.68
N GLU A 148 8.55 8.76 16.45
CA GLU A 148 9.91 8.54 15.92
C GLU A 148 10.07 7.10 15.53
N LEU A 149 9.54 6.21 16.36
CA LEU A 149 9.62 4.79 16.14
C LEU A 149 8.77 4.42 14.93
N ALA A 150 7.57 4.99 14.84
CA ALA A 150 6.69 4.78 13.71
C ALA A 150 7.27 5.34 12.41
N THR A 151 7.93 6.50 12.46
CA THR A 151 8.59 7.10 11.27
C THR A 151 9.70 6.15 10.79
N ARG A 152 10.50 5.68 11.73
CA ARG A 152 11.63 4.77 11.41
C ARG A 152 11.13 3.46 10.84
N LEU A 153 10.12 2.84 11.47
CA LEU A 153 9.57 1.59 10.98
C LEU A 153 8.87 1.75 9.65
N SER A 154 8.07 2.82 9.43
CA SER A 154 7.44 2.97 8.13
C SER A 154 8.51 3.22 7.05
N ALA A 155 9.52 4.02 7.38
CA ALA A 155 10.56 4.27 6.39
C ALA A 155 11.31 2.98 6.00
N LEU A 156 11.60 2.17 7.00
CA LEU A 156 12.29 0.90 6.76
C LEU A 156 11.48 -0.06 5.91
N ILE A 157 10.15 -0.07 6.14
CA ILE A 157 9.28 -0.89 5.39
C ILE A 157 9.34 -0.49 3.93
N ASP A 158 9.22 0.79 3.68
CA ASP A 158 9.28 1.31 2.32
C ASP A 158 10.62 1.00 1.63
N GLY A 159 11.74 1.23 2.33
CA GLY A 159 13.06 1.01 1.78
C GLY A 159 13.32 -0.45 1.45
N LEU A 160 12.91 -1.36 2.32
CA LEU A 160 13.10 -2.79 2.10
C LEU A 160 12.26 -3.27 0.96
N GLY A 161 11.01 -2.79 0.92
CA GLY A 161 10.08 -3.14 -0.17
C GLY A 161 10.59 -2.77 -1.54
N ILE A 162 11.21 -1.61 -1.66
CA ILE A 162 11.79 -1.23 -2.91
C ILE A 162 12.83 -2.29 -3.33
N GLN A 163 13.66 -2.71 -2.37
CA GLN A 163 14.72 -3.71 -2.64
C GLN A 163 14.16 -5.04 -3.11
N VAL A 164 13.01 -5.41 -2.54
CA VAL A 164 12.34 -6.66 -2.96
C VAL A 164 11.81 -6.48 -4.36
N LEU A 165 11.04 -5.40 -4.60
CA LEU A 165 10.45 -5.15 -5.94
C LEU A 165 11.48 -5.01 -7.05
N THR A 166 12.61 -4.41 -6.74
CA THR A 166 13.64 -4.18 -7.75
C THR A 166 14.63 -5.31 -7.89
N GLY A 167 14.52 -6.34 -7.05
CA GLY A 167 15.35 -7.51 -7.13
C GLY A 167 16.76 -7.44 -6.59
N LYS A 168 17.01 -6.63 -5.55
CA LYS A 168 18.35 -6.56 -4.97
C LYS A 168 18.83 -8.00 -4.75
N ARG A 169 20.01 -8.31 -5.27
CA ARG A 169 20.51 -9.68 -5.19
C ARG A 169 20.46 -10.04 -3.70
N GLY A 170 19.90 -11.21 -3.41
CA GLY A 170 19.72 -11.74 -2.05
C GLY A 170 18.44 -11.32 -1.31
N SER A 172 14.51 -11.00 -0.64
CA SER A 172 13.28 -11.66 -0.90
C SER A 172 12.30 -11.20 0.14
N VAL A 173 11.07 -11.58 -0.07
CA VAL A 173 10.03 -11.22 0.86
C VAL A 173 10.41 -11.76 2.20
N ASP A 174 10.94 -12.97 2.21
CA ASP A 174 11.31 -13.61 3.45
C ASP A 174 12.50 -12.93 4.17
N HIS A 175 13.46 -12.42 3.43
CA HIS A 175 14.55 -11.66 4.07
C HIS A 175 14.03 -10.30 4.62
N ARG A 177 10.94 -9.81 5.72
CA ARG A 177 10.21 -10.23 6.91
C ARG A 177 11.13 -10.42 8.09
N GLN A 178 12.22 -11.15 7.86
CA GLN A 178 13.19 -11.41 8.91
C GLN A 178 13.84 -10.09 9.41
N HIS A 179 14.24 -9.23 8.49
CA HIS A 179 14.84 -7.95 8.89
C HIS A 179 13.88 -7.06 9.77
N LEU A 180 12.62 -6.97 9.36
CA LEU A 180 11.60 -6.21 10.08
C LEU A 180 11.27 -6.84 11.43
N ASN A 181 11.15 -8.16 11.51
CA ASN A 181 10.98 -8.80 12.80
C ASN A 181 12.21 -8.55 13.73
N ASP A 182 13.41 -8.60 13.17
CA ASP A 182 14.58 -8.27 13.95
C ASP A 182 14.50 -6.86 14.50
N PHE A 183 14.15 -5.90 13.64
CA PHE A 183 14.00 -4.52 14.06
C PHE A 183 13.00 -4.43 15.24
N ILE A 184 11.84 -5.01 15.07
CA ILE A 184 10.84 -5.00 16.15
C ILE A 184 11.36 -5.63 17.43
N GLU A 185 11.93 -6.83 17.33
CA GLU A 185 12.45 -7.55 18.50
C GLU A 185 13.54 -6.88 19.22
N HIS A 186 14.42 -6.22 18.50
CA HIS A 186 15.56 -5.62 19.13
C HIS A 186 15.42 -4.10 19.37
N ASN A 187 14.57 -3.42 18.64
CA ASN A 187 14.42 -1.99 18.85
C ASN A 187 13.09 -1.57 19.47
N ILE A 188 12.07 -2.44 19.51
CA ILE A 188 10.75 -2.02 20.05
C ILE A 188 10.30 -2.86 21.26
N VAL A 189 10.48 -4.16 21.17
CA VAL A 189 10.13 -5.03 22.25
C VAL A 189 11.02 -4.74 23.46
N GLU A 190 10.41 -4.78 24.65
CA GLU A 190 11.11 -4.49 25.90
C GLU A 190 11.74 -5.76 26.48
#